data_2VXT
#
_entry.id   2VXT
#
_cell.length_a   44.345
_cell.length_b   62.435
_cell.length_c   104.734
_cell.angle_alpha   90.00
_cell.angle_beta   100.39
_cell.angle_gamma   90.00
#
_symmetry.space_group_name_H-M   'P 1 21 1'
#
loop_
_entity.id
_entity.type
_entity.pdbx_description
1 polymer 'MURINE IGG 125-2H'
2 polymer INTERLEUKIN-18
3 polymer 'MURINE IGG 125-2H'
4 non-polymer 'CHLORIDE ION'
5 non-polymer 'MAGNESIUM ION'
6 water water
#
loop_
_entity_poly.entity_id
_entity_poly.type
_entity_poly.pdbx_seq_one_letter_code
_entity_poly.pdbx_strand_id
1 'polypeptide(L)'
;EIQLQQSGPELVKPGASVKVSCKASGYSFTDYFIYWVKQSHGKSLEWIGDIDPYNGDTSYNQKFRDKATLTVDQSSTTAF
MHLNSLTSEDSAVYFCARGLRFWGQGTLVTVSAAKTTPPSVYPLAPGSAAQTNSMVTLGCLVKGYFPEPVTVTWNSGSLS
SGVHTFPAVLQSDLYTLSSSVTVPSSTWPSETVTCNVAHPASSTKVDKKIVPRDCG
;
H
2 'polypeptide(L)'
;YFGKLESKLSVIRNLNDQVLFIDQGNRPLFEDMTDSDARDNAPRTIFIISMYKDSQPRGMAVTISVKAEKISTLSAENKI
ISFKEMNPPDNIKDTKSDIIFFQRSVPGHDNKMQFESSSYEGYFLAAEKERDLFKLILKKEDELGDRSIMFTVQNED
;
I
3 'polypeptide(L)'
;DIQMTQSPSSLSASLGERVSLTCRASQDIGSKLYWLQQEPDGTFKRLIYATSSLDSGVPKRFSGSRSGSDYSLTISSLES
EDFVDYYCLQYASSPYTFGGGTKLAIKRADAAPTVSIFPPSSEQLTSGGASVVCFLNNFYPKDINVKWKIDGSERQNGVL
NSWTDQDSKDSTYSMSSTLTLTKDEYERHNSYTCEATHKTSTSPIVKSFNRNEC
;
L
#
loop_
_chem_comp.id
_chem_comp.type
_chem_comp.name
_chem_comp.formula
CL non-polymer 'CHLORIDE ION' 'Cl -1'
MG non-polymer 'MAGNESIUM ION' 'Mg 2'
#
# COMPACT_ATOMS: atom_id res chain seq x y z
N GLU A 1 -13.33 20.26 -4.00
CA GLU A 1 -12.82 18.88 -4.11
C GLU A 1 -11.50 18.78 -3.34
N ILE A 2 -11.44 17.90 -2.36
CA ILE A 2 -10.16 17.56 -1.71
C ILE A 2 -9.25 16.91 -2.77
N GLN A 3 -8.01 17.40 -2.93
CA GLN A 3 -7.08 16.86 -3.91
C GLN A 3 -5.70 16.84 -3.29
N LEU A 4 -4.92 15.79 -3.54
CA LEU A 4 -3.53 15.74 -3.24
C LEU A 4 -2.83 15.43 -4.55
N GLN A 5 -2.05 16.37 -5.08
CA GLN A 5 -1.48 16.23 -6.41
C GLN A 5 0.00 16.02 -6.24
N GLN A 6 0.50 14.85 -6.60
CA GLN A 6 1.92 14.55 -6.44
C GLN A 6 2.75 14.85 -7.68
N SER A 7 4.02 15.12 -7.47
CA SER A 7 4.94 15.33 -8.53
C SER A 7 5.16 14.08 -9.36
N GLY A 8 5.80 14.27 -10.53
CA GLY A 8 5.95 13.20 -11.47
C GLY A 8 7.00 12.17 -11.15
N PRO A 9 7.04 11.10 -11.94
CA PRO A 9 7.97 10.01 -11.68
C PRO A 9 9.41 10.54 -11.84
N GLU A 10 10.30 9.94 -11.03
CA GLU A 10 11.71 10.34 -11.03
C GLU A 10 12.63 9.15 -11.33
N LEU A 11 13.74 9.46 -12.02
CA LEU A 11 14.79 8.49 -12.33
C LEU A 11 16.03 9.12 -11.67
N VAL A 12 16.61 8.41 -10.71
CA VAL A 12 17.66 8.98 -9.88
C VAL A 12 18.75 7.95 -9.64
N LYS A 13 19.96 8.43 -9.42
CA LYS A 13 21.14 7.55 -9.33
C LYS A 13 21.31 7.03 -7.91
N PRO A 14 21.89 5.80 -7.78
CA PRO A 14 22.19 5.35 -6.41
C PRO A 14 23.15 6.31 -5.74
N GLY A 15 22.95 6.54 -4.45
CA GLY A 15 23.77 7.42 -3.65
C GLY A 15 23.28 8.85 -3.69
N ALA A 16 22.43 9.20 -4.65
CA ALA A 16 21.93 10.55 -4.75
C ALA A 16 20.74 10.72 -3.82
N SER A 17 20.06 11.86 -3.92
N SER A 17 20.04 11.85 -3.93
CA SER A 17 18.85 12.16 -3.15
CA SER A 17 18.79 12.05 -3.23
C SER A 17 17.73 12.62 -4.09
C SER A 17 17.69 12.43 -4.20
N VAL A 18 16.49 12.47 -3.66
CA VAL A 18 15.33 12.93 -4.42
C VAL A 18 14.33 13.57 -3.48
N LYS A 19 13.60 14.56 -3.97
CA LYS A 19 12.54 15.23 -3.22
C LYS A 19 11.29 15.27 -4.06
N VAL A 20 10.26 14.65 -3.50
CA VAL A 20 8.95 14.55 -4.10
C VAL A 20 7.93 15.42 -3.36
N SER A 21 6.95 15.97 -4.08
CA SER A 21 6.03 16.91 -3.50
C SER A 21 4.58 16.39 -3.60
N CYS A 22 3.75 16.96 -2.74
CA CYS A 22 2.36 16.57 -2.59
C CYS A 22 1.58 17.86 -2.33
N LYS A 23 0.94 18.40 -3.36
CA LYS A 23 0.22 19.65 -3.27
C LYS A 23 -1.20 19.40 -2.85
N ALA A 24 -1.58 19.98 -1.72
CA ALA A 24 -2.92 19.81 -1.15
C ALA A 24 -3.82 20.97 -1.51
N SER A 25 -5.09 20.70 -1.82
CA SER A 25 -6.05 21.75 -2.03
C SER A 25 -7.44 21.27 -1.65
N GLY A 26 -8.36 22.24 -1.53
CA GLY A 26 -9.76 21.94 -1.23
C GLY A 26 -10.17 21.75 0.22
N TYR A 27 -9.28 22.08 1.15
CA TYR A 27 -9.54 22.01 2.56
C TYR A 27 -8.49 22.88 3.25
N SER A 28 -8.62 23.12 4.55
N SER A 28 -8.60 23.01 4.56
CA SER A 28 -7.62 23.92 5.26
CA SER A 28 -7.66 23.81 5.33
C SER A 28 -6.41 23.05 5.60
C SER A 28 -6.39 22.98 5.60
N PHE A 29 -5.30 23.32 4.92
CA PHE A 29 -4.10 22.49 4.96
C PHE A 29 -3.62 22.15 6.37
N THR A 30 -3.62 23.15 7.25
CA THR A 30 -3.09 22.95 8.58
C THR A 30 -4.00 22.21 9.52
N ASP A 31 -5.20 21.83 9.10
CA ASP A 31 -6.13 21.10 9.98
C ASP A 31 -5.87 19.58 10.05
N TYR A 32 -5.05 19.07 9.16
CA TYR A 32 -4.86 17.60 9.08
C TYR A 32 -3.41 17.24 8.85
N PHE A 33 -2.92 16.19 9.48
CA PHE A 33 -1.57 15.68 9.19
C PHE A 33 -1.54 15.18 7.75
N ILE A 34 -0.33 15.13 7.18
CA ILE A 34 -0.08 14.41 5.93
C ILE A 34 0.80 13.19 6.19
N TYR A 35 0.40 12.06 5.62
CA TYR A 35 1.05 10.79 5.73
C TYR A 35 1.75 10.44 4.43
N TRP A 36 2.82 9.67 4.55
CA TRP A 36 3.57 9.16 3.41
C TRP A 36 3.66 7.64 3.56
N VAL A 37 3.45 6.96 2.45
CA VAL A 37 3.42 5.50 2.36
C VAL A 37 4.25 5.02 1.17
N LYS A 38 4.96 3.92 1.32
CA LYS A 38 5.79 3.31 0.29
C LYS A 38 5.12 2.04 -0.16
N GLN A 39 4.96 1.88 -1.47
CA GLN A 39 4.46 0.62 -2.03
C GLN A 39 5.57 0.00 -2.89
N SER A 40 6.04 -1.18 -2.50
CA SER A 40 7.07 -1.81 -3.32
C SER A 40 6.67 -3.17 -3.79
N HIS A 41 7.51 -3.75 -4.64
N HIS A 41 6.95 -3.28 -5.11
CA HIS A 41 7.36 -5.18 -4.95
CA HIS A 41 6.49 -4.36 -5.99
C HIS A 41 7.73 -6.02 -3.71
C HIS A 41 5.00 -4.26 -6.40
N GLY A 42 8.81 -5.62 -3.04
N GLY A 42 4.44 -3.05 -6.38
CA GLY A 42 9.41 -6.46 -2.00
CA GLY A 42 3.01 -2.89 -6.63
C GLY A 42 8.81 -6.43 -0.61
C GLY A 42 2.19 -3.72 -5.65
N LYS A 43 8.31 -5.26 -0.20
N LYS A 43 2.86 -4.22 -4.61
CA LYS A 43 7.72 -5.09 1.12
CA LYS A 43 2.26 -5.04 -3.57
C LYS A 43 6.32 -4.50 1.08
C LYS A 43 2.34 -4.32 -2.23
N SER A 44 5.62 -4.60 -0.05
N SER A 44 3.42 -4.63 -1.52
CA SER A 44 4.19 -4.25 -0.10
CA SER A 44 3.61 -4.41 -0.08
C SER A 44 3.95 -2.83 0.44
C SER A 44 3.68 -2.93 0.26
N LEU A 45 2.96 -2.58 1.31
CA LEU A 45 2.76 -1.23 1.82
C LEU A 45 3.44 -1.03 3.16
N GLU A 46 4.14 0.10 3.30
CA GLU A 46 4.80 0.48 4.53
C GLU A 46 4.49 1.94 4.80
N TRP A 47 4.07 2.25 6.02
CA TRP A 47 3.98 3.65 6.46
C TRP A 47 5.38 4.25 6.70
N ILE A 48 5.65 5.41 6.12
CA ILE A 48 6.96 6.06 6.23
C ILE A 48 7.00 7.02 7.39
N GLY A 49 6.00 7.88 7.45
CA GLY A 49 5.96 8.92 8.46
C GLY A 49 4.80 9.86 8.27
N ASP A 50 4.72 10.84 9.16
CA ASP A 50 3.71 11.87 9.03
C ASP A 50 4.28 13.19 9.52
N ILE A 51 3.54 14.21 9.12
CA ILE A 51 3.87 15.57 9.51
C ILE A 51 2.62 16.37 9.89
N ASP A 52 2.77 17.18 10.94
CA ASP A 52 1.77 18.15 11.34
C ASP A 52 2.06 19.48 10.62
N PRO A 53 1.24 19.87 9.63
CA PRO A 53 1.59 21.08 8.88
C PRO A 53 1.51 22.37 9.67
N TYR A 54 0.83 22.37 10.80
CA TYR A 54 0.71 23.60 11.60
C TYR A 54 2.00 23.95 12.31
N ASN A 55 2.71 22.96 12.85
CA ASN A 55 3.94 23.25 13.60
C ASN A 55 5.17 22.57 13.06
N GLY A 56 5.02 21.74 12.03
CA GLY A 56 6.13 21.06 11.42
C GLY A 56 6.59 19.78 12.13
N ASP A 57 5.90 19.41 13.20
CA ASP A 57 6.27 18.19 13.94
C ASP A 57 6.16 16.97 13.04
N THR A 58 7.11 16.05 13.18
CA THR A 58 7.13 14.84 12.40
C THR A 58 7.23 13.60 13.27
N SER A 59 6.77 12.49 12.69
N SER A 59 6.71 12.49 12.77
CA SER A 59 6.87 11.15 13.25
CA SER A 59 7.03 11.18 13.32
C SER A 59 7.34 10.26 12.08
C SER A 59 7.26 10.19 12.16
N TYR A 60 8.22 9.31 12.38
CA TYR A 60 8.69 8.34 11.42
C TYR A 60 8.54 6.93 11.91
N ASN A 61 8.39 6.05 10.93
CA ASN A 61 8.70 4.64 11.06
C ASN A 61 10.20 4.52 11.31
N GLN A 62 10.61 3.82 12.35
CA GLN A 62 12.04 3.84 12.67
C GLN A 62 12.88 3.26 11.52
N LYS A 63 12.28 2.43 10.64
CA LYS A 63 13.01 1.94 9.48
C LYS A 63 13.42 3.05 8.54
N PHE A 64 12.62 4.11 8.49
CA PHE A 64 12.79 5.18 7.49
C PHE A 64 13.29 6.46 8.10
N ARG A 65 13.58 6.48 9.38
CA ARG A 65 13.87 7.76 10.04
C ARG A 65 15.21 8.34 9.58
N ASP A 66 16.12 7.55 9.07
CA ASP A 66 17.38 8.14 8.59
C ASP A 66 17.40 8.22 7.07
N LYS A 67 16.36 7.73 6.42
CA LYS A 67 16.21 7.73 4.94
C LYS A 67 15.39 8.95 4.47
N ALA A 68 14.33 9.25 5.20
CA ALA A 68 13.29 10.20 4.76
C ALA A 68 13.29 11.42 5.64
N THR A 69 13.03 12.57 5.01
CA THR A 69 12.86 13.82 5.71
C THR A 69 11.59 14.45 5.23
N LEU A 70 10.60 14.60 6.11
CA LEU A 70 9.34 15.24 5.75
C LEU A 70 9.33 16.71 6.11
N THR A 71 8.79 17.54 5.22
CA THR A 71 8.65 18.95 5.46
C THR A 71 7.33 19.42 4.84
N VAL A 72 6.93 20.64 5.21
CA VAL A 72 5.83 21.32 4.47
C VAL A 72 6.24 22.72 4.14
N ASP A 73 5.54 23.24 3.13
N ASP A 73 5.57 23.26 3.12
CA ASP A 73 5.49 24.68 2.91
CA ASP A 73 5.54 24.70 2.87
C ASP A 73 4.04 25.14 3.09
C ASP A 73 4.09 25.14 3.11
N GLN A 74 3.78 25.79 4.22
N GLN A 74 3.89 26.03 4.07
CA GLN A 74 2.44 26.26 4.52
CA GLN A 74 2.51 26.39 4.44
C GLN A 74 1.90 27.09 3.36
C GLN A 74 1.82 27.32 3.46
N SER A 75 2.62 28.13 2.96
N SER A 75 2.61 28.15 2.77
CA SER A 75 2.09 29.06 1.94
CA SER A 75 2.02 29.12 1.84
C SER A 75 1.57 28.35 0.72
C SER A 75 1.62 28.46 0.54
N SER A 76 2.35 27.42 0.14
CA SER A 76 1.97 26.69 -1.06
C SER A 76 1.15 25.45 -0.74
N THR A 77 0.83 25.22 0.55
CA THR A 77 0.04 24.07 0.98
C THR A 77 0.51 22.74 0.36
N THR A 78 1.82 22.58 0.38
CA THR A 78 2.51 21.42 -0.16
C THR A 78 3.39 20.73 0.89
N ALA A 79 3.33 19.40 0.89
CA ALA A 79 4.16 18.53 1.69
C ALA A 79 5.25 17.91 0.81
N PHE A 80 6.44 17.72 1.37
CA PHE A 80 7.58 17.17 0.63
C PHE A 80 8.16 15.97 1.38
N MET A 81 8.65 15.01 0.62
CA MET A 81 9.43 13.90 1.20
C MET A 81 10.76 13.88 0.49
N HIS A 82 11.84 14.04 1.22
CA HIS A 82 13.20 13.92 0.71
C HIS A 82 13.78 12.59 1.14
N LEU A 83 14.32 11.83 0.18
CA LEU A 83 15.00 10.59 0.45
C LEU A 83 16.48 10.75 0.10
N ASN A 84 17.32 10.33 1.05
CA ASN A 84 18.77 10.43 0.88
C ASN A 84 19.41 9.08 0.71
N SER A 85 20.67 9.14 0.23
CA SER A 85 21.48 7.93 0.18
C SER A 85 20.79 6.78 -0.57
N LEU A 86 20.23 7.08 -1.74
CA LEU A 86 19.35 6.15 -2.41
C LEU A 86 20.03 4.85 -2.80
N THR A 87 19.28 3.77 -2.73
CA THR A 87 19.71 2.44 -3.19
C THR A 87 18.56 1.79 -3.97
N SER A 88 18.83 0.65 -4.61
N SER A 88 18.85 0.63 -4.57
CA SER A 88 17.80 -0.08 -5.36
CA SER A 88 17.87 -0.16 -5.34
C SER A 88 16.57 -0.39 -4.51
C SER A 88 16.61 -0.50 -4.52
N GLU A 89 16.78 -0.65 -3.23
CA GLU A 89 15.68 -0.95 -2.33
C GLU A 89 14.70 0.21 -2.16
N ASP A 90 15.12 1.43 -2.51
CA ASP A 90 14.23 2.60 -2.46
C ASP A 90 13.34 2.76 -3.69
N SER A 91 13.62 1.99 -4.74
CA SER A 91 12.71 2.01 -5.89
C SER A 91 11.33 1.51 -5.46
N ALA A 92 10.33 2.34 -5.70
CA ALA A 92 8.97 2.11 -5.21
C ALA A 92 8.06 3.22 -5.66
N VAL A 93 6.75 3.08 -5.42
CA VAL A 93 5.77 4.16 -5.58
C VAL A 93 5.52 4.73 -4.20
N TYR A 94 5.65 6.05 -4.07
CA TYR A 94 5.46 6.76 -2.84
C TYR A 94 4.18 7.54 -2.89
N PHE A 95 3.32 7.37 -1.89
CA PHE A 95 1.99 8.04 -1.86
C PHE A 95 1.95 9.00 -0.70
N CYS A 96 1.31 10.15 -0.88
CA CYS A 96 0.92 10.99 0.22
C CYS A 96 -0.58 10.83 0.45
N ALA A 97 -1.05 11.10 1.65
CA ALA A 97 -2.46 10.97 2.00
C ALA A 97 -2.83 11.92 3.13
N ARG A 98 -4.06 12.40 3.06
CA ARG A 98 -4.71 13.05 4.18
C ARG A 98 -5.56 11.96 4.85
N GLY A 99 -5.29 11.71 6.12
CA GLY A 99 -6.08 10.83 6.95
C GLY A 99 -5.98 9.35 6.65
N LEU A 100 -5.03 8.94 5.79
CA LEU A 100 -5.09 7.65 5.08
C LEU A 100 -6.47 7.38 4.49
N ARG A 101 -7.23 8.52 4.09
CA ARG A 101 -8.56 8.57 3.54
C ARG A 101 -8.52 9.09 2.11
N PHE A 102 -7.89 10.26 1.92
CA PHE A 102 -7.80 10.88 0.61
C PHE A 102 -6.34 10.69 0.20
N TRP A 103 -6.10 10.16 -0.99
CA TRP A 103 -4.74 9.76 -1.39
C TRP A 103 -4.30 10.48 -2.64
N GLY A 104 -3.03 10.81 -2.69
CA GLY A 104 -2.39 11.25 -3.91
C GLY A 104 -2.27 10.11 -4.87
N GLN A 105 -1.92 10.40 -6.11
CA GLN A 105 -1.86 9.39 -7.15
C GLN A 105 -0.61 8.57 -7.15
N GLY A 106 0.34 8.91 -6.28
CA GLY A 106 1.61 8.18 -6.20
C GLY A 106 2.67 8.78 -7.12
N THR A 107 3.92 8.65 -6.66
CA THR A 107 5.14 9.03 -7.39
C THR A 107 6.07 7.83 -7.46
N LEU A 108 6.34 7.36 -8.67
CA LEU A 108 7.30 6.28 -8.91
C LEU A 108 8.67 6.88 -8.83
N VAL A 109 9.54 6.29 -7.99
CA VAL A 109 10.96 6.65 -7.92
C VAL A 109 11.73 5.38 -8.32
N THR A 110 12.51 5.48 -9.39
CA THR A 110 13.35 4.36 -9.83
C THR A 110 14.79 4.78 -9.61
N VAL A 111 15.50 3.95 -8.86
CA VAL A 111 16.89 4.16 -8.56
C VAL A 111 17.73 3.24 -9.46
N SER A 112 18.56 3.82 -10.33
CA SER A 112 19.43 3.03 -11.19
C SER A 112 20.63 3.86 -11.60
N ALA A 113 21.73 3.15 -11.79
CA ALA A 113 22.98 3.71 -12.26
C ALA A 113 23.02 3.71 -13.76
N ALA A 114 22.03 3.11 -14.43
CA ALA A 114 22.11 2.99 -15.89
C ALA A 114 21.81 4.29 -16.57
N LYS A 115 22.47 4.53 -17.71
CA LYS A 115 22.12 5.56 -18.67
C LYS A 115 21.06 5.00 -19.61
N THR A 116 20.40 5.88 -20.35
CA THR A 116 19.53 5.48 -21.44
C THR A 116 20.23 4.53 -22.37
N THR A 117 19.59 3.39 -22.59
CA THR A 117 20.20 2.23 -23.24
C THR A 117 19.12 1.57 -24.06
N PRO A 118 19.35 1.39 -25.36
CA PRO A 118 18.36 0.77 -26.21
C PRO A 118 18.33 -0.74 -25.95
N PRO A 119 17.19 -1.39 -26.23
CA PRO A 119 17.12 -2.84 -26.09
C PRO A 119 17.88 -3.54 -27.19
N SER A 120 18.42 -4.71 -26.88
CA SER A 120 18.80 -5.65 -27.90
C SER A 120 17.62 -6.58 -28.13
N VAL A 121 17.21 -6.76 -29.38
CA VAL A 121 16.03 -7.55 -29.75
C VAL A 121 16.48 -8.83 -30.42
N TYR A 122 16.19 -9.95 -29.75
CA TYR A 122 16.67 -11.24 -30.16
C TYR A 122 15.50 -12.14 -30.52
N PRO A 123 15.60 -12.85 -31.65
CA PRO A 123 14.49 -13.72 -32.06
C PRO A 123 14.48 -15.02 -31.27
N LEU A 124 13.29 -15.52 -30.94
CA LEU A 124 13.16 -16.80 -30.23
C LEU A 124 12.43 -17.74 -31.19
N ALA A 125 13.17 -18.68 -31.77
CA ALA A 125 12.60 -19.66 -32.71
C ALA A 125 12.87 -21.06 -32.16
N PRO A 126 11.96 -22.01 -32.41
CA PRO A 126 12.16 -23.35 -31.85
C PRO A 126 13.40 -24.04 -32.37
N GLY A 127 14.02 -24.86 -31.53
CA GLY A 127 15.05 -25.79 -31.99
C GLY A 127 14.47 -26.94 -32.78
N SER A 134 0.97 -28.76 -33.98
CA SER A 134 -0.04 -28.06 -34.76
C SER A 134 -0.02 -26.56 -34.49
N MET A 135 0.25 -26.16 -33.24
CA MET A 135 0.46 -24.75 -32.93
C MET A 135 1.93 -24.55 -32.62
N VAL A 136 2.53 -23.51 -33.19
N VAL A 136 2.52 -23.51 -33.19
CA VAL A 136 3.93 -23.19 -32.92
CA VAL A 136 3.91 -23.15 -32.93
C VAL A 136 4.04 -21.87 -32.14
C VAL A 136 3.96 -21.89 -32.07
N THR A 137 4.86 -21.87 -31.10
CA THR A 137 5.09 -20.65 -30.32
C THR A 137 6.45 -20.03 -30.65
N LEU A 138 6.43 -18.73 -30.96
CA LEU A 138 7.62 -17.95 -31.28
C LEU A 138 7.74 -16.85 -30.25
N GLY A 139 8.90 -16.19 -30.19
CA GLY A 139 8.97 -15.01 -29.37
C GLY A 139 10.05 -14.03 -29.75
N CYS A 140 10.10 -12.94 -28.97
N CYS A 140 10.11 -12.92 -29.01
N CYS A 140 10.17 -13.05 -28.84
CA CYS A 140 11.19 -11.99 -29.04
CA CYS A 140 11.29 -12.07 -29.08
CA CYS A 140 11.03 -11.88 -28.98
C CYS A 140 11.64 -11.65 -27.63
C CYS A 140 11.66 -11.61 -27.68
C CYS A 140 11.63 -11.61 -27.59
N LEU A 141 12.95 -11.68 -27.45
CA LEU A 141 13.61 -11.32 -26.20
C LEU A 141 14.12 -9.89 -26.39
N VAL A 142 13.63 -9.00 -25.52
CA VAL A 142 13.92 -7.57 -25.56
C VAL A 142 14.82 -7.31 -24.34
N LYS A 143 16.13 -7.35 -24.57
CA LYS A 143 17.11 -7.43 -23.48
C LYS A 143 17.90 -6.16 -23.23
N GLY A 144 18.05 -5.79 -21.97
CA GLY A 144 18.99 -4.77 -21.53
C GLY A 144 18.69 -3.35 -21.98
N TYR A 145 17.51 -2.86 -21.61
CA TYR A 145 17.16 -1.47 -21.94
C TYR A 145 16.90 -0.63 -20.70
N PHE A 146 17.00 0.69 -20.84
CA PHE A 146 16.68 1.61 -19.77
C PHE A 146 16.40 2.97 -20.37
N PRO A 147 15.37 3.68 -19.86
CA PRO A 147 14.37 3.31 -18.88
C PRO A 147 13.20 2.57 -19.51
N GLU A 148 12.18 2.28 -18.73
CA GLU A 148 10.90 1.83 -19.29
C GLU A 148 10.23 2.99 -20.01
N PRO A 149 9.27 2.68 -20.90
CA PRO A 149 8.84 1.36 -21.35
C PRO A 149 9.40 1.02 -22.74
N VAL A 150 9.16 -0.23 -23.13
CA VAL A 150 9.23 -0.64 -24.54
C VAL A 150 7.81 -1.03 -24.95
N THR A 151 7.52 -0.97 -26.24
CA THR A 151 6.25 -1.43 -26.82
C THR A 151 6.59 -2.58 -27.76
N VAL A 152 5.86 -3.70 -27.71
CA VAL A 152 6.09 -4.80 -28.64
C VAL A 152 4.80 -5.14 -29.38
N THR A 153 4.89 -5.25 -30.69
CA THR A 153 3.79 -5.76 -31.50
C THR A 153 4.32 -6.85 -32.42
N TRP A 154 3.39 -7.57 -33.05
CA TRP A 154 3.72 -8.65 -33.95
C TRP A 154 3.03 -8.42 -35.28
N ASN A 155 3.80 -8.46 -36.36
CA ASN A 155 3.31 -8.12 -37.70
C ASN A 155 2.53 -6.81 -37.65
N SER A 156 3.16 -5.80 -37.07
CA SER A 156 2.61 -4.46 -36.94
C SER A 156 1.20 -4.48 -36.34
N GLY A 157 0.95 -5.37 -35.40
CA GLY A 157 -0.34 -5.48 -34.74
C GLY A 157 -1.37 -6.39 -35.41
N SER A 158 -1.04 -6.98 -36.56
CA SER A 158 -1.94 -7.90 -37.25
C SER A 158 -2.23 -9.19 -36.47
N LEU A 159 -1.28 -9.58 -35.62
CA LEU A 159 -1.42 -10.75 -34.77
C LEU A 159 -1.65 -10.26 -33.35
N SER A 160 -2.77 -10.65 -32.75
CA SER A 160 -2.98 -10.40 -31.32
C SER A 160 -3.65 -11.51 -30.55
N SER A 161 -4.47 -12.37 -31.16
CA SER A 161 -5.23 -13.31 -30.31
C SER A 161 -4.25 -14.27 -29.61
N GLY A 162 -3.14 -14.57 -30.26
CA GLY A 162 -2.16 -15.50 -29.70
C GLY A 162 -0.98 -14.85 -28.99
N VAL A 163 -1.09 -13.58 -28.62
CA VAL A 163 0.07 -12.82 -28.15
C VAL A 163 0.00 -12.56 -26.66
N HIS A 164 1.12 -12.64 -25.98
CA HIS A 164 1.25 -11.88 -24.74
C HIS A 164 2.68 -11.50 -24.47
N THR A 165 2.80 -10.41 -23.72
CA THR A 165 4.07 -9.82 -23.43
C THR A 165 4.23 -9.76 -21.92
N PHE A 166 5.37 -10.23 -21.46
CA PHE A 166 5.61 -10.42 -20.04
C PHE A 166 6.11 -9.12 -19.44
N PRO A 167 5.79 -8.88 -18.18
CA PRO A 167 6.28 -7.69 -17.53
C PRO A 167 7.80 -7.62 -17.52
N ALA A 168 8.33 -6.41 -17.64
CA ALA A 168 9.78 -6.18 -17.56
C ALA A 168 10.28 -6.53 -16.16
N VAL A 169 11.48 -7.09 -16.11
CA VAL A 169 12.21 -7.31 -14.84
C VAL A 169 13.63 -6.74 -14.93
N LEU A 170 14.20 -6.42 -13.78
CA LEU A 170 15.60 -5.97 -13.69
C LEU A 170 16.57 -7.15 -13.64
N GLN A 171 17.36 -7.32 -14.69
CA GLN A 171 18.30 -8.44 -14.78
C GLN A 171 19.67 -8.04 -14.21
N SER A 172 20.14 -6.86 -14.57
CA SER A 172 21.36 -6.32 -13.98
C SER A 172 20.90 -4.95 -13.44
N ASP A 173 21.39 -3.86 -14.05
CA ASP A 173 20.88 -2.47 -13.90
C ASP A 173 19.98 -2.02 -15.09
N LEU A 174 19.63 -3.01 -15.91
CA LEU A 174 18.79 -2.81 -17.09
C LEU A 174 17.56 -3.71 -17.00
N TYR A 175 16.52 -3.34 -17.74
CA TYR A 175 15.29 -4.11 -17.83
C TYR A 175 15.38 -5.12 -18.97
N THR A 176 14.61 -6.20 -18.81
CA THR A 176 14.44 -7.25 -19.83
C THR A 176 13.02 -7.74 -19.84
N LEU A 177 12.46 -7.93 -21.03
CA LEU A 177 11.21 -8.67 -21.14
C LEU A 177 11.21 -9.50 -22.41
N SER A 178 10.14 -10.27 -22.55
N SER A 178 10.27 -10.43 -22.50
CA SER A 178 9.99 -11.15 -23.67
CA SER A 178 10.06 -11.19 -23.74
C SER A 178 8.53 -11.10 -24.07
C SER A 178 8.58 -11.10 -24.08
N SER A 179 8.28 -11.36 -25.36
CA SER A 179 6.94 -11.45 -25.86
C SER A 179 6.80 -12.77 -26.59
N SER A 180 5.61 -13.33 -26.49
CA SER A 180 5.25 -14.63 -26.98
C SER A 180 4.14 -14.50 -28.04
N VAL A 181 4.20 -15.27 -29.14
CA VAL A 181 3.09 -15.35 -30.09
C VAL A 181 2.92 -16.80 -30.53
N THR A 182 1.67 -17.26 -30.57
CA THR A 182 1.35 -18.61 -30.99
C THR A 182 0.47 -18.61 -32.21
N VAL A 183 0.92 -19.31 -33.26
CA VAL A 183 0.25 -19.35 -34.55
C VAL A 183 0.19 -20.81 -35.00
N PRO A 184 -0.73 -21.12 -35.91
CA PRO A 184 -0.77 -22.48 -36.48
C PRO A 184 0.49 -22.84 -37.26
N SER A 185 0.87 -24.12 -37.26
CA SER A 185 2.09 -24.52 -37.96
C SER A 185 1.96 -24.36 -39.47
N SER A 186 0.72 -24.36 -39.96
CA SER A 186 0.48 -24.14 -41.39
C SER A 186 0.75 -22.69 -41.79
N THR A 187 0.75 -21.78 -40.82
N THR A 187 0.79 -21.83 -40.77
CA THR A 187 0.96 -20.35 -41.10
CA THR A 187 0.88 -20.38 -40.90
C THR A 187 2.43 -19.95 -41.06
C THR A 187 2.32 -19.87 -40.91
N TRP A 188 3.20 -20.50 -40.12
CA TRP A 188 4.64 -20.18 -40.06
C TRP A 188 5.44 -21.47 -40.12
N PRO A 189 6.55 -21.48 -40.90
CA PRO A 189 7.23 -20.37 -41.57
C PRO A 189 6.73 -20.04 -42.97
N SER A 190 5.57 -20.58 -43.36
CA SER A 190 4.90 -20.25 -44.62
C SER A 190 4.76 -18.73 -44.87
N GLU A 191 4.21 -18.03 -43.90
CA GLU A 191 4.09 -16.57 -43.93
C GLU A 191 5.03 -16.03 -42.85
N THR A 192 5.55 -14.81 -43.03
CA THR A 192 6.50 -14.25 -42.09
C THR A 192 5.83 -13.77 -40.81
N VAL A 193 6.60 -13.86 -39.73
CA VAL A 193 6.19 -13.35 -38.42
C VAL A 193 7.33 -12.50 -37.93
N THR A 194 7.04 -11.24 -37.60
CA THR A 194 8.04 -10.26 -37.20
C THR A 194 7.60 -9.58 -35.91
N CYS A 195 8.52 -9.43 -34.95
N CYS A 195 8.58 -9.34 -35.03
CA CYS A 195 8.22 -8.56 -33.81
CA CYS A 195 8.39 -8.62 -33.77
C CYS A 195 8.72 -7.17 -34.11
C CYS A 195 8.84 -7.16 -33.92
N ASN A 196 7.95 -6.21 -33.63
CA ASN A 196 8.27 -4.79 -33.76
C ASN A 196 8.44 -4.21 -32.35
N VAL A 197 9.62 -3.69 -32.07
CA VAL A 197 9.93 -3.17 -30.73
C VAL A 197 10.30 -1.69 -30.77
N ALA A 198 9.61 -0.88 -29.96
CA ALA A 198 9.91 0.53 -29.84
C ALA A 198 10.35 0.86 -28.41
N HIS A 199 11.43 1.63 -28.30
CA HIS A 199 11.94 2.17 -27.05
C HIS A 199 12.02 3.68 -27.22
N PRO A 200 10.94 4.39 -26.88
CA PRO A 200 10.94 5.82 -27.19
C PRO A 200 12.05 6.62 -26.52
N ALA A 201 12.46 6.25 -25.31
CA ALA A 201 13.54 7.02 -24.64
C ALA A 201 14.79 7.12 -25.50
N SER A 202 15.11 6.07 -26.26
CA SER A 202 16.30 6.05 -27.11
C SER A 202 15.99 6.23 -28.60
N SER A 203 14.75 6.57 -28.94
CA SER A 203 14.34 6.68 -30.35
C SER A 203 14.63 5.42 -31.17
N THR A 204 14.51 4.26 -30.53
CA THR A 204 14.77 2.95 -31.14
C THR A 204 13.45 2.36 -31.68
N LYS A 205 13.48 1.87 -32.91
CA LYS A 205 12.42 1.01 -33.44
C LYS A 205 13.11 -0.08 -34.22
N VAL A 206 12.85 -1.33 -33.85
CA VAL A 206 13.50 -2.48 -34.46
C VAL A 206 12.43 -3.47 -34.91
N ASP A 207 12.62 -4.04 -36.09
CA ASP A 207 11.75 -5.08 -36.62
C ASP A 207 12.60 -6.34 -36.79
N LYS A 208 12.29 -7.37 -36.00
CA LYS A 208 13.04 -8.61 -36.04
C LYS A 208 12.18 -9.74 -36.59
N LYS A 209 12.55 -10.23 -37.76
CA LYS A 209 11.86 -11.35 -38.40
C LYS A 209 12.24 -12.64 -37.67
N ILE A 210 11.28 -13.50 -37.37
CA ILE A 210 11.60 -14.79 -36.75
C ILE A 210 11.78 -15.83 -37.85
N VAL A 211 13.00 -16.33 -37.96
CA VAL A 211 13.38 -17.24 -39.03
C VAL A 211 13.63 -18.65 -38.50
N PRO A 212 13.17 -19.69 -39.23
CA PRO A 212 13.40 -21.05 -38.75
C PRO A 212 14.88 -21.39 -38.56
N ARG A 213 15.17 -22.09 -37.47
CA ARG A 213 16.51 -22.59 -37.20
C ARG A 213 16.70 -23.89 -37.98
N TYR B 1 -14.53 -1.00 42.09
CA TYR B 1 -13.43 -1.87 41.59
C TYR B 1 -12.15 -1.06 41.35
N PHE B 2 -12.19 -0.02 40.52
CA PHE B 2 -10.99 0.76 40.24
C PHE B 2 -11.00 2.07 41.00
N GLY B 3 -10.10 2.20 41.98
CA GLY B 3 -9.92 3.44 42.71
C GLY B 3 -9.17 4.51 41.93
N LYS B 4 -9.56 5.76 42.19
CA LYS B 4 -8.87 6.89 41.61
C LYS B 4 -7.40 6.79 41.94
N LEU B 5 -6.59 6.89 40.90
CA LEU B 5 -5.15 6.79 41.02
C LEU B 5 -4.45 8.14 41.16
N GLU B 6 -4.92 9.14 40.43
CA GLU B 6 -4.30 10.46 40.39
C GLU B 6 -5.37 11.48 40.05
N SER B 7 -5.06 12.74 40.34
CA SER B 7 -5.96 13.86 40.13
C SER B 7 -5.10 15.07 39.80
N LYS B 8 -5.14 15.53 38.56
CA LYS B 8 -4.22 16.54 38.04
C LYS B 8 -4.92 17.80 37.54
N LEU B 9 -4.57 18.95 38.11
CA LEU B 9 -5.04 20.24 37.60
C LEU B 9 -4.35 20.58 36.30
N SER B 10 -5.16 20.96 35.30
CA SER B 10 -4.71 21.04 33.93
C SER B 10 -5.37 22.19 33.18
N VAL B 11 -4.60 22.84 32.32
CA VAL B 11 -5.13 23.74 31.31
C VAL B 11 -5.09 23.00 29.97
N ILE B 12 -6.19 23.06 29.24
CA ILE B 12 -6.34 22.26 28.02
C ILE B 12 -6.43 23.23 26.85
N ARG B 13 -5.57 23.06 25.83
CA ARG B 13 -5.61 23.88 24.63
C ARG B 13 -5.88 23.06 23.37
N ASN B 14 -6.62 23.65 22.44
CA ASN B 14 -7.00 22.96 21.21
C ASN B 14 -6.00 23.19 20.09
N LEU B 15 -6.38 22.76 18.88
CA LEU B 15 -5.51 22.77 17.70
C LEU B 15 -5.00 24.14 17.32
N ASN B 16 -5.77 25.18 17.64
CA ASN B 16 -5.36 26.54 17.35
C ASN B 16 -4.85 27.27 18.61
N ASP B 17 -4.43 26.50 19.62
CA ASP B 17 -3.89 26.96 20.89
C ASP B 17 -4.88 27.73 21.75
N GLN B 18 -6.17 27.58 21.48
CA GLN B 18 -7.19 28.24 22.30
C GLN B 18 -7.44 27.40 23.55
N VAL B 19 -7.72 28.10 24.64
CA VAL B 19 -7.87 27.52 25.97
C VAL B 19 -9.34 27.14 26.23
N LEU B 20 -9.54 25.94 26.77
CA LEU B 20 -10.87 25.45 27.14
C LEU B 20 -11.31 26.18 28.41
N PHE B 21 -12.59 26.59 28.48
CA PHE B 21 -13.18 27.14 29.71
C PHE B 21 -14.67 26.78 29.78
N ILE B 22 -15.24 26.86 30.98
CA ILE B 22 -16.68 26.71 31.18
C ILE B 22 -17.28 28.11 31.28
N ASP B 23 -18.26 28.42 30.44
CA ASP B 23 -18.89 29.74 30.48
C ASP B 23 -19.97 29.78 31.57
N GLN B 24 -20.60 30.94 31.72
CA GLN B 24 -21.54 31.11 32.82
C GLN B 24 -22.75 30.21 32.69
N GLY B 25 -23.01 29.71 31.47
CA GLY B 25 -24.09 28.76 31.21
C GLY B 25 -23.62 27.32 31.25
N ASN B 26 -22.42 27.11 31.79
CA ASN B 26 -21.82 25.78 31.96
C ASN B 26 -21.50 25.07 30.64
N ARG B 27 -21.35 25.84 29.59
CA ARG B 27 -20.99 25.34 28.27
C ARG B 27 -19.46 25.30 28.13
N PRO B 28 -18.90 24.18 27.63
CA PRO B 28 -17.48 24.16 27.30
C PRO B 28 -17.13 24.86 25.98
N LEU B 29 -16.33 25.91 26.08
CA LEU B 29 -15.91 26.71 24.93
C LEU B 29 -14.41 26.87 24.92
N PHE B 30 -13.88 27.37 23.81
CA PHE B 30 -12.47 27.73 23.69
C PHE B 30 -12.32 29.18 23.29
N GLU B 31 -11.29 29.83 23.80
CA GLU B 31 -10.94 31.19 23.37
C GLU B 31 -9.45 31.40 23.36
N ASP B 32 -9.01 32.32 22.50
CA ASP B 32 -7.62 32.71 22.48
C ASP B 32 -7.28 33.33 23.82
N MET B 33 -6.22 32.82 24.46
CA MET B 33 -5.81 33.31 25.77
C MET B 33 -4.33 33.10 25.95
N THR B 34 -3.63 34.11 26.46
CA THR B 34 -2.27 33.92 26.92
C THR B 34 -2.29 33.07 28.17
N ASP B 35 -1.13 32.56 28.58
CA ASP B 35 -1.02 31.79 29.82
C ASP B 35 -1.48 32.66 30.99
N SER B 36 -1.20 33.96 30.90
CA SER B 36 -1.68 34.93 31.90
C SER B 36 -3.21 35.05 31.92
N ASP B 37 -3.83 35.22 30.75
CA ASP B 37 -5.27 35.29 30.64
C ASP B 37 -5.86 34.01 31.26
N ALA B 38 -5.23 32.86 31.01
CA ALA B 38 -5.72 31.58 31.55
C ALA B 38 -5.75 31.52 33.07
N ARG B 39 -4.77 32.15 33.70
CA ARG B 39 -4.74 32.22 35.16
C ARG B 39 -5.76 33.24 35.70
N ASP B 40 -5.80 34.43 35.07
CA ASP B 40 -6.83 35.44 35.34
C ASP B 40 -8.22 34.82 35.35
N ASN B 41 -8.46 33.90 34.41
CA ASN B 41 -9.78 33.31 34.25
C ASN B 41 -10.04 32.05 35.09
N ALA B 42 -9.10 31.63 35.93
CA ALA B 42 -9.37 30.51 36.83
C ALA B 42 -10.47 30.92 37.79
N PRO B 43 -11.28 29.95 38.26
CA PRO B 43 -11.22 28.50 38.05
C PRO B 43 -11.92 27.96 36.79
N ARG B 44 -12.39 28.84 35.92
CA ARG B 44 -13.19 28.40 34.77
C ARG B 44 -12.35 27.72 33.67
N THR B 45 -11.03 27.89 33.75
CA THR B 45 -10.05 27.38 32.80
C THR B 45 -9.23 26.22 33.36
N ILE B 46 -9.51 25.77 34.60
CA ILE B 46 -8.71 24.75 35.25
C ILE B 46 -9.49 23.48 35.38
N PHE B 47 -9.02 22.43 34.72
CA PHE B 47 -9.75 21.16 34.64
C PHE B 47 -9.00 20.12 35.44
N ILE B 48 -9.76 19.33 36.19
CA ILE B 48 -9.20 18.28 37.01
C ILE B 48 -9.34 17.00 36.21
N ILE B 49 -8.21 16.41 35.87
CA ILE B 49 -8.17 15.12 35.18
C ILE B 49 -7.85 14.01 36.16
N SER B 50 -8.88 13.21 36.42
CA SER B 50 -8.79 12.12 37.39
C SER B 50 -8.57 10.79 36.64
N MET B 51 -7.53 10.05 37.03
N MET B 51 -7.52 10.05 37.00
CA MET B 51 -7.17 8.81 36.35
CA MET B 51 -7.15 8.81 36.32
C MET B 51 -7.54 7.61 37.19
C MET B 51 -7.50 7.60 37.16
N TYR B 52 -8.10 6.59 36.54
CA TYR B 52 -8.59 5.37 37.21
C TYR B 52 -7.95 4.05 36.80
N LYS B 53 -7.48 3.93 35.56
CA LYS B 53 -7.04 2.64 35.02
C LYS B 53 -6.33 2.75 33.68
N ASP B 54 -5.19 2.09 33.53
CA ASP B 54 -4.58 1.95 32.20
C ASP B 54 -5.32 0.87 31.42
N SER B 55 -5.82 1.24 30.23
CA SER B 55 -6.53 0.32 29.36
C SER B 55 -5.99 0.47 27.93
N GLN B 56 -4.69 0.28 27.76
CA GLN B 56 -4.11 0.33 26.41
C GLN B 56 -4.39 -1.03 25.79
N PRO B 57 -4.99 -1.07 24.59
CA PRO B 57 -4.94 -0.15 23.46
C PRO B 57 -5.56 1.27 23.53
N ARG B 58 -6.70 1.43 24.17
CA ARG B 58 -7.47 2.67 24.04
C ARG B 58 -6.85 3.89 24.74
N GLY B 59 -6.20 3.69 25.88
CA GLY B 59 -5.61 4.81 26.65
C GLY B 59 -5.76 4.66 28.18
N MET B 60 -5.60 5.79 28.86
N MET B 60 -5.57 5.78 28.87
CA MET B 60 -5.82 5.86 30.31
CA MET B 60 -5.81 5.84 30.32
C MET B 60 -7.24 6.30 30.56
C MET B 60 -7.25 6.29 30.55
N ALA B 61 -7.95 5.55 31.39
CA ALA B 61 -9.33 5.87 31.74
C ALA B 61 -9.33 7.09 32.68
N VAL B 62 -9.96 8.18 32.25
CA VAL B 62 -9.98 9.41 33.01
C VAL B 62 -11.38 10.02 33.05
N THR B 63 -11.60 10.88 34.04
CA THR B 63 -12.70 11.82 34.03
C THR B 63 -12.13 13.23 33.97
N ILE B 64 -12.94 14.15 33.47
CA ILE B 64 -12.54 15.55 33.37
C ILE B 64 -13.59 16.36 34.12
N SER B 65 -13.15 17.07 35.16
N SER B 65 -13.16 17.04 35.19
CA SER B 65 -14.05 17.86 36.00
CA SER B 65 -14.08 17.87 35.97
C SER B 65 -13.58 19.30 36.15
C SER B 65 -13.63 19.33 36.01
N VAL B 66 -14.50 20.18 36.52
CA VAL B 66 -14.18 21.60 36.74
C VAL B 66 -14.92 22.07 37.98
N LYS B 67 -14.34 23.01 38.72
CA LYS B 67 -14.98 23.51 39.94
C LYS B 67 -15.13 25.01 39.79
N ALA B 68 -16.38 25.44 39.62
CA ALA B 68 -16.70 26.85 39.66
C ALA B 68 -17.66 27.06 40.83
N GLU B 69 -18.92 27.36 40.54
CA GLU B 69 -19.87 27.56 41.62
C GLU B 69 -20.32 26.19 42.14
N LYS B 70 -20.11 25.17 41.32
CA LYS B 70 -20.33 23.78 41.71
C LYS B 70 -19.30 22.93 40.96
N ILE B 71 -19.17 21.66 41.33
CA ILE B 71 -18.26 20.72 40.65
C ILE B 71 -19.07 20.01 39.58
N SER B 72 -18.56 20.07 38.36
CA SER B 72 -19.18 19.38 37.21
C SER B 72 -18.16 18.46 36.55
N THR B 73 -18.67 17.41 35.93
CA THR B 73 -17.87 16.40 35.23
C THR B 73 -18.38 16.27 33.81
N LEU B 74 -17.45 16.09 32.89
N LEU B 74 -17.46 16.22 32.85
CA LEU B 74 -17.77 16.02 31.47
CA LEU B 74 -17.85 16.08 31.44
C LEU B 74 -18.46 14.71 31.12
C LEU B 74 -18.56 14.76 31.23
N SER B 75 -19.56 14.79 30.39
CA SER B 75 -20.29 13.61 29.95
C SER B 75 -20.47 13.59 28.44
N ALA B 76 -20.29 12.43 27.82
CA ALA B 76 -20.53 12.25 26.39
C ALA B 76 -21.83 11.54 26.08
N GLU B 77 -22.73 11.43 27.05
CA GLU B 77 -23.93 10.67 26.87
C GLU B 77 -24.77 11.15 25.67
N ASN B 78 -25.34 10.21 24.91
CA ASN B 78 -26.10 10.49 23.68
C ASN B 78 -25.25 11.20 22.62
N LYS B 79 -23.94 11.08 22.70
CA LYS B 79 -23.01 11.68 21.72
C LYS B 79 -23.09 13.19 21.73
N ILE B 80 -23.46 13.75 22.86
CA ILE B 80 -23.61 15.20 23.08
C ILE B 80 -22.81 15.53 24.31
N ILE B 81 -21.82 16.41 24.18
N ILE B 81 -21.83 16.43 24.19
CA ILE B 81 -21.02 16.83 25.32
CA ILE B 81 -20.97 16.73 25.32
C ILE B 81 -21.81 17.72 26.23
C ILE B 81 -21.60 17.79 26.24
N SER B 82 -21.66 17.48 27.53
CA SER B 82 -22.20 18.38 28.52
C SER B 82 -21.34 18.30 29.78
N PHE B 83 -21.45 19.36 30.57
CA PHE B 83 -21.04 19.29 31.95
C PHE B 83 -22.20 18.84 32.80
N LYS B 84 -21.96 17.75 33.52
CA LYS B 84 -22.94 17.15 34.40
C LYS B 84 -22.62 17.47 35.85
N GLU B 85 -23.61 17.86 36.63
CA GLU B 85 -23.33 18.16 38.03
C GLU B 85 -23.08 16.89 38.83
N MET B 86 -21.82 16.58 39.08
CA MET B 86 -21.45 15.45 39.91
C MET B 86 -19.99 15.53 40.17
N ASN B 87 -19.55 14.97 41.29
CA ASN B 87 -18.13 14.88 41.58
C ASN B 87 -17.48 13.72 40.83
N PRO B 88 -16.19 13.81 40.52
CA PRO B 88 -15.57 12.60 39.99
C PRO B 88 -15.62 11.49 41.05
N PRO B 89 -15.89 10.26 40.62
CA PRO B 89 -16.01 9.15 41.58
C PRO B 89 -14.75 8.80 42.35
N ASP B 90 -14.94 8.35 43.58
CA ASP B 90 -13.81 7.82 44.35
C ASP B 90 -13.33 6.50 43.72
N ASN B 91 -14.29 5.71 43.25
CA ASN B 91 -14.08 4.41 42.66
C ASN B 91 -15.08 4.18 41.57
N ILE B 92 -14.65 3.56 40.49
CA ILE B 92 -15.58 3.17 39.42
C ILE B 92 -15.67 1.65 39.31
N LYS B 93 -16.86 1.15 39.05
CA LYS B 93 -17.03 -0.30 38.97
C LYS B 93 -16.41 -0.93 37.75
N ASP B 94 -16.26 -0.11 36.71
CA ASP B 94 -15.73 -0.52 35.41
C ASP B 94 -15.42 0.75 34.66
N THR B 95 -14.90 0.66 33.44
CA THR B 95 -14.53 1.85 32.69
C THR B 95 -15.56 2.23 31.63
N LYS B 96 -16.83 1.83 31.82
CA LYS B 96 -17.81 1.96 30.75
C LYS B 96 -18.69 3.22 30.78
N SER B 97 -18.61 4.02 31.81
CA SER B 97 -19.49 5.17 31.94
C SER B 97 -19.27 6.26 30.89
N ASP B 98 -20.35 7.00 30.58
CA ASP B 98 -20.29 8.14 29.69
C ASP B 98 -19.43 9.29 30.18
N ILE B 99 -19.08 9.30 31.44
CA ILE B 99 -18.08 10.25 31.97
C ILE B 99 -16.63 9.79 31.85
N ILE B 100 -16.40 8.58 31.34
N ILE B 100 -16.38 8.58 31.36
CA ILE B 100 -15.05 8.08 31.17
CA ILE B 100 -15.00 8.12 31.23
C ILE B 100 -14.54 8.37 29.76
C ILE B 100 -14.50 8.28 29.79
N PHE B 101 -13.31 8.86 29.67
CA PHE B 101 -12.62 9.07 28.38
C PHE B 101 -11.31 8.34 28.49
N PHE B 102 -10.84 7.81 27.37
CA PHE B 102 -9.52 7.19 27.28
C PHE B 102 -8.60 8.22 26.72
N GLN B 103 -7.67 8.65 27.57
CA GLN B 103 -6.69 9.64 27.18
C GLN B 103 -5.48 8.89 26.61
N ARG B 104 -5.07 9.28 25.40
N ARG B 104 -5.04 9.29 25.43
CA ARG B 104 -3.97 8.63 24.69
CA ARG B 104 -3.80 8.76 24.93
C ARG B 104 -3.23 9.67 23.87
C ARG B 104 -3.17 9.80 24.05
N SER B 105 -1.90 9.58 23.78
CA SER B 105 -1.14 10.46 22.90
C SER B 105 -1.34 9.97 21.48
N VAL B 106 -1.36 10.92 20.56
CA VAL B 106 -1.39 10.56 19.14
C VAL B 106 -0.14 9.74 18.81
N PRO B 107 -0.31 8.57 18.17
CA PRO B 107 0.88 7.76 17.87
C PRO B 107 2.02 8.55 17.21
N GLY B 108 3.22 8.52 17.78
CA GLY B 108 4.37 9.20 17.26
C GLY B 108 4.56 10.61 17.78
N HIS B 109 3.52 11.18 18.38
CA HIS B 109 3.53 12.60 18.81
C HIS B 109 3.13 12.62 20.29
N ASP B 110 4.12 12.45 21.16
CA ASP B 110 3.80 12.13 22.55
C ASP B 110 3.14 13.28 23.31
N ASN B 111 3.22 14.51 22.81
CA ASN B 111 2.60 15.61 23.56
C ASN B 111 1.27 16.08 22.97
N LYS B 112 0.76 15.37 21.98
CA LYS B 112 -0.57 15.66 21.42
C LYS B 112 -1.55 14.64 21.98
N MET B 113 -2.58 15.06 22.71
CA MET B 113 -3.45 14.14 23.42
C MET B 113 -4.82 14.03 22.76
N GLN B 114 -5.36 12.81 22.76
CA GLN B 114 -6.72 12.59 22.33
C GLN B 114 -7.52 12.07 23.53
N PHE B 115 -8.81 12.33 23.52
CA PHE B 115 -9.73 11.84 24.57
C PHE B 115 -10.90 11.11 23.89
N GLU B 116 -10.86 9.80 23.92
N GLU B 116 -10.84 9.79 23.82
CA GLU B 116 -11.88 8.95 23.30
CA GLU B 116 -11.93 8.98 23.25
C GLU B 116 -13.01 8.58 24.27
C GLU B 116 -13.01 8.76 24.30
N SER B 117 -14.25 8.84 23.86
CA SER B 117 -15.39 8.44 24.72
C SER B 117 -15.37 6.96 24.97
N SER B 118 -15.52 6.57 26.26
CA SER B 118 -15.64 5.16 26.56
C SER B 118 -16.93 4.62 26.01
N SER B 119 -18.02 5.34 26.22
CA SER B 119 -19.34 4.81 25.92
C SER B 119 -19.68 4.81 24.43
N TYR B 120 -18.97 5.63 23.68
CA TYR B 120 -19.17 5.71 22.22
C TYR B 120 -17.79 5.53 21.54
N GLU B 121 -17.42 4.27 21.37
CA GLU B 121 -16.12 3.94 20.76
C GLU B 121 -15.93 4.61 19.41
N GLY B 122 -14.76 5.21 19.20
CA GLY B 122 -14.45 5.88 17.94
C GLY B 122 -14.90 7.32 17.87
N TYR B 123 -15.50 7.79 18.95
CA TYR B 123 -15.87 9.21 19.07
C TYR B 123 -14.94 9.88 20.07
N PHE B 124 -14.60 11.13 19.83
CA PHE B 124 -13.58 11.82 20.58
C PHE B 124 -13.98 13.25 20.92
N LEU B 125 -13.45 13.78 22.02
CA LEU B 125 -13.48 15.22 22.22
C LEU B 125 -12.86 15.98 21.03
N ALA B 126 -13.52 17.07 20.62
CA ALA B 126 -13.04 17.88 19.50
C ALA B 126 -13.36 19.34 19.70
N ALA B 127 -12.61 20.18 19.02
CA ALA B 127 -12.94 21.59 18.94
C ALA B 127 -13.61 21.85 17.60
N GLU B 128 -14.72 22.58 17.63
CA GLU B 128 -15.40 22.93 16.40
C GLU B 128 -15.96 24.35 16.46
N LYS B 129 -15.77 25.10 15.38
CA LYS B 129 -16.30 26.47 15.24
C LYS B 129 -17.78 26.38 14.92
N GLU B 130 -18.62 26.98 15.75
CA GLU B 130 -20.01 27.19 15.41
C GLU B 130 -20.34 28.67 15.48
N ARG B 131 -20.65 29.25 14.33
CA ARG B 131 -20.95 30.66 14.24
C ARG B 131 -19.77 31.44 14.82
N ASP B 132 -20.00 32.13 15.93
CA ASP B 132 -18.99 32.99 16.54
C ASP B 132 -18.14 32.21 17.55
N LEU B 133 -18.67 31.08 18.03
CA LEU B 133 -18.08 30.36 19.17
C LEU B 133 -17.20 29.19 18.72
N PHE B 134 -16.23 28.85 19.55
CA PHE B 134 -15.45 27.62 19.39
C PHE B 134 -15.86 26.73 20.53
N LYS B 135 -16.44 25.59 20.19
CA LYS B 135 -17.10 24.74 21.16
C LYS B 135 -16.35 23.42 21.32
N LEU B 136 -16.39 22.86 22.52
CA LEU B 136 -16.03 21.45 22.75
C LEU B 136 -17.22 20.55 22.38
N ILE B 137 -17.01 19.63 21.45
CA ILE B 137 -18.04 18.70 20.99
C ILE B 137 -17.50 17.28 21.06
N LEU B 138 -18.38 16.31 20.84
CA LEU B 138 -17.97 14.94 20.61
C LEU B 138 -18.10 14.70 19.11
N LYS B 139 -17.04 14.17 18.49
CA LYS B 139 -16.97 14.01 17.04
C LYS B 139 -16.53 12.58 16.72
N LYS B 140 -17.14 11.94 15.73
CA LYS B 140 -16.65 10.67 15.23
C LYS B 140 -15.31 10.88 14.53
N GLU B 141 -14.32 10.07 14.88
CA GLU B 141 -13.04 10.16 14.17
C GLU B 141 -13.22 9.58 12.78
N ASP B 142 -13.23 10.41 11.75
CA ASP B 142 -13.49 9.96 10.40
C ASP B 142 -12.18 9.70 9.66
N GLU B 143 -11.07 10.26 10.15
CA GLU B 143 -9.80 10.01 9.48
C GLU B 143 -8.67 10.32 10.46
N LEU B 144 -7.48 9.78 10.16
CA LEU B 144 -6.35 9.93 11.06
C LEU B 144 -5.79 11.38 10.92
N GLY B 145 -5.11 11.84 11.97
CA GLY B 145 -4.41 13.10 11.89
C GLY B 145 -5.34 14.29 11.85
N ASP B 146 -6.55 14.16 12.36
CA ASP B 146 -7.51 15.23 12.42
C ASP B 146 -7.12 16.04 13.66
N ARG B 147 -6.56 17.22 13.39
CA ARG B 147 -6.00 18.00 14.49
C ARG B 147 -7.06 18.50 15.45
N SER B 148 -8.33 18.59 15.02
CA SER B 148 -9.40 19.07 15.90
C SER B 148 -9.65 18.18 17.09
N ILE B 149 -9.22 16.91 17.02
CA ILE B 149 -9.35 16.00 18.15
C ILE B 149 -8.07 15.87 18.98
N MET B 150 -7.11 16.75 18.70
CA MET B 150 -5.84 16.80 19.44
C MET B 150 -5.76 18.03 20.35
N PHE B 151 -5.21 17.79 21.54
CA PHE B 151 -5.05 18.83 22.54
C PHE B 151 -3.70 18.81 23.20
N THR B 152 -3.34 19.97 23.72
N THR B 152 -3.32 19.94 23.75
CA THR B 152 -2.21 20.18 24.61
CA THR B 152 -2.13 20.04 24.59
C THR B 152 -2.81 20.10 26.02
C THR B 152 -2.63 20.23 26.03
N VAL B 153 -2.14 19.38 26.92
CA VAL B 153 -2.52 19.37 28.33
C VAL B 153 -1.35 19.87 29.16
N GLN B 154 -1.54 21.03 29.78
CA GLN B 154 -0.52 21.67 30.63
C GLN B 154 -0.81 21.42 32.11
N ASN B 155 0.14 20.83 32.84
CA ASN B 155 -0.02 20.53 34.26
C ASN B 155 0.10 21.75 35.16
N GLU B 156 -0.73 21.84 36.21
CA GLU B 156 -0.78 23.03 37.09
C GLU B 156 -0.82 22.74 38.60
N ASP C 1 6.56 -3.97 16.83
CA ASP C 1 5.50 -3.35 15.96
C ASP C 1 4.35 -4.33 15.80
N ILE C 2 3.15 -3.84 15.50
CA ILE C 2 2.00 -4.73 15.31
C ILE C 2 2.08 -5.28 13.90
N GLN C 3 2.00 -6.58 13.74
CA GLN C 3 1.96 -7.26 12.47
C GLN C 3 0.52 -7.54 12.13
N MET C 4 0.14 -7.19 10.90
CA MET C 4 -1.20 -7.43 10.38
C MET C 4 -1.06 -8.52 9.35
N THR C 5 -1.60 -9.69 9.68
CA THR C 5 -1.54 -10.86 8.81
C THR C 5 -2.83 -10.90 8.02
N GLN C 6 -2.72 -10.66 6.72
CA GLN C 6 -3.89 -10.60 5.84
C GLN C 6 -3.97 -11.84 4.95
N SER C 7 -5.15 -12.45 4.94
CA SER C 7 -5.35 -13.68 4.20
C SER C 7 -6.71 -13.68 3.54
N PRO C 8 -6.85 -14.38 2.40
CA PRO C 8 -5.74 -14.97 1.66
C PRO C 8 -5.13 -13.88 0.80
N SER C 9 -3.89 -14.05 0.39
CA SER C 9 -3.25 -13.05 -0.46
C SER C 9 -3.83 -13.03 -1.87
N SER C 10 -4.39 -14.16 -2.28
N SER C 10 -4.44 -14.14 -2.27
CA SER C 10 -5.11 -14.22 -3.52
CA SER C 10 -5.05 -14.27 -3.57
C SER C 10 -6.39 -15.00 -3.24
C SER C 10 -6.32 -15.09 -3.43
N LEU C 11 -7.48 -14.55 -3.83
CA LEU C 11 -8.75 -15.27 -3.71
C LEU C 11 -9.43 -15.31 -5.05
N SER C 12 -9.69 -16.51 -5.54
CA SER C 12 -10.37 -16.71 -6.81
C SER C 12 -11.85 -16.91 -6.53
N ALA C 13 -12.67 -16.15 -7.24
CA ALA C 13 -14.11 -16.19 -6.99
C ALA C 13 -14.85 -15.81 -8.27
N SER C 14 -16.16 -15.92 -8.22
CA SER C 14 -17.04 -15.63 -9.36
C SER C 14 -17.99 -14.50 -9.11
N LEU C 15 -18.48 -13.91 -10.21
CA LEU C 15 -19.52 -12.90 -10.08
C LEU C 15 -20.67 -13.45 -9.27
N GLY C 16 -21.19 -12.62 -8.37
CA GLY C 16 -22.31 -12.99 -7.52
C GLY C 16 -22.00 -13.72 -6.23
N GLU C 17 -20.74 -14.10 -6.04
N GLU C 17 -20.75 -14.10 -6.04
CA GLU C 17 -20.29 -14.88 -4.88
CA GLU C 17 -20.35 -14.87 -4.86
C GLU C 17 -20.10 -13.94 -3.70
C GLU C 17 -20.10 -13.94 -3.69
N ARG C 18 -20.33 -14.47 -2.49
CA ARG C 18 -20.07 -13.73 -1.27
C ARG C 18 -18.68 -14.16 -0.83
N VAL C 19 -17.79 -13.21 -0.51
CA VAL C 19 -16.45 -13.57 -0.07
C VAL C 19 -16.05 -12.70 1.11
N SER C 20 -15.06 -13.16 1.87
N SER C 20 -15.11 -13.14 1.91
CA SER C 20 -14.55 -12.44 3.06
CA SER C 20 -14.52 -12.22 2.87
C SER C 20 -13.02 -12.51 3.16
C SER C 20 -13.03 -12.44 2.96
N LEU C 21 -12.37 -11.36 3.38
CA LEU C 21 -10.94 -11.24 3.50
C LEU C 21 -10.72 -11.00 4.97
N THR C 22 -9.60 -11.46 5.51
CA THR C 22 -9.35 -11.39 6.96
C THR C 22 -8.01 -10.77 7.27
N CYS C 23 -7.97 -9.95 8.32
CA CYS C 23 -6.72 -9.43 8.87
C CYS C 23 -6.67 -9.81 10.35
N ARG C 24 -5.57 -10.43 10.75
CA ARG C 24 -5.33 -10.87 12.13
C ARG C 24 -4.24 -9.92 12.68
N ALA C 25 -4.50 -9.29 13.82
CA ALA C 25 -3.49 -8.42 14.44
C ALA C 25 -2.66 -9.13 15.50
N SER C 26 -1.36 -8.87 15.53
CA SER C 26 -0.48 -9.56 16.48
C SER C 26 -0.61 -9.06 17.90
N GLN C 27 -1.23 -7.89 18.07
CA GLN C 27 -1.55 -7.25 19.35
C GLN C 27 -2.95 -6.70 19.25
N ASP C 28 -3.52 -6.34 20.39
CA ASP C 28 -4.88 -5.79 20.41
C ASP C 28 -4.89 -4.43 19.74
N ILE C 29 -5.74 -4.27 18.72
CA ILE C 29 -5.92 -2.99 18.07
C ILE C 29 -7.33 -2.42 18.26
N GLY C 30 -8.13 -3.03 19.10
CA GLY C 30 -9.49 -2.57 19.33
C GLY C 30 -10.24 -2.47 18.02
N SER C 31 -10.90 -1.33 17.82
N SER C 31 -10.91 -1.34 17.80
CA SER C 31 -11.66 -1.06 16.60
CA SER C 31 -11.65 -1.10 16.57
C SER C 31 -10.87 -0.24 15.59
C SER C 31 -10.85 -0.34 15.52
N LYS C 32 -9.56 -0.13 15.77
CA LYS C 32 -8.75 0.80 14.98
C LYS C 32 -8.15 0.15 13.74
N LEU C 33 -9.04 -0.12 12.79
CA LEU C 33 -8.67 -0.76 11.51
C LEU C 33 -9.39 -0.07 10.34
N TYR C 34 -8.66 0.18 9.25
CA TYR C 34 -9.25 0.57 7.99
C TYR C 34 -9.14 -0.54 6.96
N TRP C 35 -10.05 -0.53 5.97
CA TRP C 35 -9.91 -1.31 4.75
C TRP C 35 -9.85 -0.39 3.57
N LEU C 36 -8.84 -0.65 2.72
CA LEU C 36 -8.54 0.13 1.54
C LEU C 36 -8.67 -0.75 0.32
N GLN C 37 -9.09 -0.16 -0.77
CA GLN C 37 -9.13 -0.80 -2.08
C GLN C 37 -8.16 -0.07 -3.00
N GLN C 38 -7.47 -0.79 -3.87
CA GLN C 38 -6.60 -0.16 -4.84
C GLN C 38 -6.94 -0.65 -6.24
N GLU C 39 -7.18 0.29 -7.15
CA GLU C 39 -7.41 -0.04 -8.53
C GLU C 39 -6.09 -0.32 -9.27
N PRO C 40 -6.18 -0.95 -10.46
CA PRO C 40 -4.97 -1.27 -11.21
C PRO C 40 -4.08 -0.06 -11.51
N ASP C 41 -4.66 1.11 -11.70
CA ASP C 41 -3.81 2.28 -11.94
C ASP C 41 -3.17 2.91 -10.70
N GLY C 42 -3.40 2.30 -9.55
CA GLY C 42 -2.75 2.71 -8.30
C GLY C 42 -3.60 3.55 -7.39
N THR C 43 -4.79 3.90 -7.87
CA THR C 43 -5.73 4.71 -7.12
C THR C 43 -6.24 4.01 -5.88
N PHE C 44 -6.04 4.60 -4.70
CA PHE C 44 -6.65 4.13 -3.46
C PHE C 44 -7.99 4.71 -3.15
N LYS C 45 -8.85 3.91 -2.52
CA LYS C 45 -10.15 4.35 -2.01
C LYS C 45 -10.33 3.66 -0.68
N ARG C 46 -10.56 4.43 0.38
CA ARG C 46 -10.91 3.81 1.64
C ARG C 46 -12.37 3.32 1.61
N LEU C 47 -12.55 2.07 2.05
CA LEU C 47 -13.89 1.46 2.08
C LEU C 47 -14.54 1.50 3.45
N ILE C 48 -13.77 1.14 4.46
CA ILE C 48 -14.26 0.97 5.81
C ILE C 48 -13.28 1.69 6.75
N TYR C 49 -13.85 2.35 7.76
CA TYR C 49 -13.02 2.95 8.82
C TYR C 49 -13.56 2.50 10.17
N ALA C 50 -12.67 2.46 11.16
CA ALA C 50 -13.08 2.11 12.51
C ALA C 50 -13.79 0.74 12.49
N THR C 51 -13.17 -0.23 11.82
CA THR C 51 -13.62 -1.63 11.70
C THR C 51 -14.87 -1.88 10.86
N SER C 52 -15.94 -1.13 11.09
CA SER C 52 -17.23 -1.43 10.48
C SER C 52 -17.97 -0.25 9.89
N SER C 53 -17.41 0.95 9.91
CA SER C 53 -18.14 2.09 9.34
C SER C 53 -17.86 2.16 7.86
N LEU C 54 -18.91 2.26 7.05
CA LEU C 54 -18.76 2.27 5.61
C LEU C 54 -18.57 3.69 5.14
N ASP C 55 -17.56 3.92 4.32
CA ASP C 55 -17.36 5.26 3.78
C ASP C 55 -18.49 5.64 2.82
N SER C 56 -18.76 6.94 2.74
CA SER C 56 -19.66 7.46 1.74
C SER C 56 -19.12 7.21 0.34
N GLY C 57 -20.03 6.99 -0.60
CA GLY C 57 -19.64 6.68 -1.98
C GLY C 57 -19.05 5.28 -2.18
N VAL C 58 -19.26 4.42 -1.19
CA VAL C 58 -18.87 3.02 -1.33
C VAL C 58 -20.12 2.17 -1.47
N PRO C 59 -20.16 1.28 -2.49
CA PRO C 59 -21.32 0.41 -2.61
C PRO C 59 -21.71 -0.33 -1.34
N LYS C 60 -23.00 -0.50 -1.14
CA LYS C 60 -23.50 -1.10 0.08
C LYS C 60 -23.19 -2.59 0.24
N ARG C 61 -22.74 -3.26 -0.82
CA ARG C 61 -22.29 -4.66 -0.71
C ARG C 61 -21.03 -4.87 0.10
N PHE C 62 -20.32 -3.79 0.42
CA PHE C 62 -19.15 -3.89 1.26
C PHE C 62 -19.53 -3.68 2.70
N SER C 63 -18.99 -4.52 3.57
CA SER C 63 -19.15 -4.33 5.02
C SER C 63 -17.92 -4.80 5.78
N GLY C 64 -17.78 -4.27 6.98
CA GLY C 64 -16.65 -4.63 7.80
C GLY C 64 -17.12 -5.04 9.16
N SER C 65 -16.43 -6.03 9.72
CA SER C 65 -16.77 -6.61 10.99
C SER C 65 -15.54 -7.11 11.71
N ARG C 66 -15.75 -7.47 12.97
CA ARG C 66 -14.69 -8.01 13.78
C ARG C 66 -15.29 -9.13 14.59
N SER C 67 -14.46 -10.15 14.82
CA SER C 67 -14.75 -11.20 15.78
C SER C 67 -13.36 -11.57 16.33
N GLY C 68 -13.11 -11.18 17.62
CA GLY C 68 -11.78 -11.33 18.21
C GLY C 68 -10.63 -10.48 17.70
N SER C 69 -9.48 -11.13 17.45
CA SER C 69 -8.34 -10.47 16.81
C SER C 69 -8.36 -10.60 15.30
N ASP C 70 -9.48 -11.11 14.76
CA ASP C 70 -9.80 -11.21 13.32
C ASP C 70 -10.82 -10.19 12.82
N TYR C 71 -10.37 -9.45 11.83
CA TYR C 71 -11.13 -8.38 11.23
C TYR C 71 -11.44 -8.81 9.81
N SER C 72 -12.67 -8.60 9.36
CA SER C 72 -13.02 -9.04 8.00
C SER C 72 -13.72 -8.02 7.18
N LEU C 73 -13.40 -8.04 5.88
CA LEU C 73 -14.12 -7.27 4.90
C LEU C 73 -14.91 -8.27 4.09
N THR C 74 -16.24 -8.08 4.03
CA THR C 74 -17.12 -8.97 3.30
C THR C 74 -17.74 -8.21 2.15
N ILE C 75 -17.80 -8.88 1.00
CA ILE C 75 -18.44 -8.36 -0.20
C ILE C 75 -19.61 -9.32 -0.45
N SER C 76 -20.85 -8.85 -0.32
CA SER C 76 -22.00 -9.75 -0.27
C SER C 76 -22.28 -10.49 -1.58
N SER C 77 -21.94 -9.86 -2.69
CA SER C 77 -22.20 -10.37 -4.03
C SER C 77 -21.26 -9.63 -5.00
N LEU C 78 -20.24 -10.34 -5.49
CA LEU C 78 -19.18 -9.71 -6.25
C LEU C 78 -19.67 -9.18 -7.58
N GLU C 79 -19.17 -7.99 -7.96
CA GLU C 79 -19.36 -7.44 -9.28
C GLU C 79 -18.02 -7.31 -9.96
N SER C 80 -18.04 -7.10 -11.26
CA SER C 80 -16.82 -7.17 -12.05
C SER C 80 -15.74 -6.20 -11.57
N GLU C 81 -16.17 -5.03 -11.11
CA GLU C 81 -15.22 -4.01 -10.70
C GLU C 81 -14.54 -4.34 -9.40
N ASP C 82 -15.05 -5.35 -8.71
CA ASP C 82 -14.49 -5.72 -7.38
C ASP C 82 -13.20 -6.57 -7.39
N PHE C 83 -12.77 -7.01 -8.57
CA PHE C 83 -11.65 -7.95 -8.73
C PHE C 83 -10.34 -7.18 -8.79
N VAL C 84 -10.05 -6.52 -7.66
CA VAL C 84 -8.91 -5.64 -7.54
C VAL C 84 -8.14 -6.01 -6.23
N ASP C 85 -7.33 -5.06 -5.72
CA ASP C 85 -6.53 -5.32 -4.52
C ASP C 85 -7.14 -4.66 -3.31
N TYR C 86 -6.89 -5.28 -2.15
CA TYR C 86 -7.45 -4.79 -0.89
C TYR C 86 -6.39 -4.90 0.21
N TYR C 87 -6.38 -3.93 1.13
CA TYR C 87 -5.39 -3.89 2.22
C TYR C 87 -6.10 -3.46 3.49
N CYS C 88 -5.70 -4.05 4.61
CA CYS C 88 -6.13 -3.51 5.90
C CYS C 88 -4.97 -2.65 6.46
N LEU C 89 -5.30 -1.81 7.41
CA LEU C 89 -4.34 -0.88 8.05
C LEU C 89 -4.78 -0.73 9.51
N GLN C 90 -3.86 -0.90 10.45
CA GLN C 90 -4.16 -0.63 11.84
C GLN C 90 -3.56 0.70 12.26
N TYR C 91 -4.31 1.40 13.10
CA TYR C 91 -3.88 2.69 13.63
C TYR C 91 -3.93 2.75 15.18
N ALA C 92 -3.89 1.59 15.80
CA ALA C 92 -3.82 1.49 17.23
C ALA C 92 -2.47 1.98 17.78
N SER C 93 -1.38 1.66 17.09
CA SER C 93 -0.06 2.01 17.60
C SER C 93 0.93 2.28 16.50
N SER C 94 1.92 3.10 16.82
N SER C 94 1.94 3.08 16.83
CA SER C 94 2.98 3.43 15.89
CA SER C 94 2.98 3.44 15.87
C SER C 94 3.97 2.25 15.84
C SER C 94 4.07 2.35 15.86
N PRO C 95 4.58 1.98 14.68
CA PRO C 95 4.22 2.51 13.39
C PRO C 95 2.91 1.89 12.89
N TYR C 96 2.13 2.73 12.20
CA TYR C 96 0.94 2.16 11.53
C TYR C 96 1.44 1.08 10.54
N THR C 97 0.69 -0.01 10.42
CA THR C 97 1.10 -1.16 9.65
C THR C 97 -0.07 -1.68 8.84
N PHE C 98 0.26 -2.17 7.66
CA PHE C 98 -0.69 -2.65 6.69
C PHE C 98 -0.63 -4.16 6.60
N GLY C 99 -1.78 -4.76 6.29
CA GLY C 99 -1.78 -6.15 5.85
C GLY C 99 -1.07 -6.30 4.50
N GLY C 100 -0.68 -7.52 4.15
CA GLY C 100 0.08 -7.70 2.94
C GLY C 100 -0.70 -7.70 1.66
N GLY C 101 -2.01 -7.53 1.75
CA GLY C 101 -2.89 -7.43 0.60
C GLY C 101 -3.59 -8.71 0.18
N THR C 102 -4.73 -8.51 -0.50
CA THR C 102 -5.45 -9.58 -1.15
C THR C 102 -5.79 -9.11 -2.58
N LYS C 103 -5.48 -9.91 -3.57
CA LYS C 103 -5.98 -9.71 -4.92
C LYS C 103 -7.13 -10.65 -5.18
N LEU C 104 -8.26 -10.08 -5.60
N LEU C 104 -8.30 -10.09 -5.49
CA LEU C 104 -9.46 -10.82 -5.94
CA LEU C 104 -9.40 -10.92 -5.95
C LEU C 104 -9.41 -11.16 -7.44
C LEU C 104 -9.21 -11.18 -7.43
N ALA C 105 -9.32 -12.45 -7.77
CA ALA C 105 -9.16 -12.94 -9.15
C ALA C 105 -10.40 -13.76 -9.58
N ILE C 106 -10.53 -13.92 -10.89
CA ILE C 106 -11.68 -14.62 -11.47
C ILE C 106 -11.40 -16.10 -11.47
N LYS C 107 -12.33 -16.88 -10.95
CA LYS C 107 -12.26 -18.33 -10.96
C LYS C 107 -12.56 -18.86 -12.36
N ARG C 108 -11.83 -19.91 -12.75
CA ARG C 108 -12.05 -20.62 -14.02
C ARG C 108 -11.55 -22.04 -13.87
N ALA C 109 -11.72 -22.83 -14.93
CA ALA C 109 -11.28 -24.23 -14.91
C ALA C 109 -9.78 -24.32 -14.92
N ASP C 110 -9.26 -25.34 -14.26
CA ASP C 110 -7.83 -25.59 -14.35
C ASP C 110 -7.37 -25.82 -15.77
N ALA C 111 -6.11 -25.49 -16.03
CA ALA C 111 -5.51 -25.63 -17.33
C ALA C 111 -4.04 -25.84 -17.18
N ALA C 112 -3.53 -26.80 -17.94
CA ALA C 112 -2.09 -27.06 -18.02
C ALA C 112 -1.38 -26.03 -18.86
N PRO C 113 -0.13 -25.72 -18.51
CA PRO C 113 0.60 -24.77 -19.36
C PRO C 113 1.06 -25.36 -20.67
N THR C 114 1.21 -24.49 -21.67
CA THR C 114 1.94 -24.82 -22.89
C THR C 114 3.36 -24.34 -22.69
N VAL C 115 4.30 -25.29 -22.74
CA VAL C 115 5.70 -25.01 -22.41
C VAL C 115 6.56 -25.01 -23.65
N SER C 116 7.34 -23.95 -23.83
CA SER C 116 8.24 -23.79 -24.98
C SER C 116 9.62 -23.33 -24.53
N ILE C 117 10.67 -23.96 -25.07
CA ILE C 117 12.04 -23.54 -24.75
C ILE C 117 12.73 -23.05 -26.00
N PHE C 118 13.58 -22.05 -25.82
CA PHE C 118 14.24 -21.37 -26.93
C PHE C 118 15.71 -21.18 -26.69
N PRO C 119 16.56 -21.64 -27.62
CA PRO C 119 17.96 -21.40 -27.44
C PRO C 119 18.38 -19.95 -27.68
N PRO C 120 19.55 -19.56 -27.17
CA PRO C 120 20.11 -18.27 -27.54
C PRO C 120 20.18 -18.09 -29.04
N SER C 121 19.95 -16.87 -29.48
CA SER C 121 20.03 -16.53 -30.89
C SER C 121 21.49 -16.33 -31.25
N SER C 122 21.86 -16.59 -32.51
CA SER C 122 23.20 -16.25 -32.98
C SER C 122 23.54 -14.77 -32.74
N GLU C 123 22.55 -13.87 -32.86
CA GLU C 123 22.77 -12.44 -32.62
C GLU C 123 23.27 -12.15 -31.20
N GLN C 124 22.67 -12.81 -30.22
CA GLN C 124 23.05 -12.56 -28.83
C GLN C 124 24.44 -13.12 -28.60
N LEU C 125 24.70 -14.29 -29.14
CA LEU C 125 26.01 -14.92 -28.95
C LEU C 125 27.11 -14.05 -29.50
N THR C 126 26.81 -13.37 -30.59
CA THR C 126 27.77 -12.40 -31.18
C THR C 126 28.22 -11.35 -30.18
N SER C 127 27.32 -10.95 -29.28
N SER C 127 27.35 -10.89 -29.28
CA SER C 127 27.56 -9.93 -28.27
CA SER C 127 27.76 -9.89 -28.31
C SER C 127 28.08 -10.49 -26.92
C SER C 127 28.33 -10.46 -27.01
N GLY C 128 28.35 -11.79 -26.88
CA GLY C 128 28.98 -12.45 -25.71
C GLY C 128 28.09 -12.92 -24.58
N GLY C 129 26.78 -12.74 -24.72
CA GLY C 129 25.83 -13.30 -23.76
C GLY C 129 25.02 -14.45 -24.33
N ALA C 130 24.33 -15.18 -23.45
CA ALA C 130 23.47 -16.26 -23.88
C ALA C 130 22.30 -16.32 -22.91
N SER C 131 21.09 -16.12 -23.42
CA SER C 131 19.86 -16.24 -22.66
C SER C 131 19.06 -17.38 -23.23
N VAL C 132 18.67 -18.30 -22.36
CA VAL C 132 17.81 -19.44 -22.71
C VAL C 132 16.45 -19.10 -22.13
N VAL C 133 15.42 -19.11 -22.98
CA VAL C 133 14.09 -18.65 -22.59
C VAL C 133 13.07 -19.78 -22.60
N CYS C 134 12.27 -19.82 -21.55
N CYS C 134 12.25 -19.81 -21.55
CA CYS C 134 11.17 -20.77 -21.44
CA CYS C 134 11.20 -20.82 -21.41
C CYS C 134 9.87 -20.01 -21.20
C CYS C 134 9.86 -20.13 -21.14
N PHE C 135 8.85 -20.35 -21.99
CA PHE C 135 7.52 -19.81 -21.76
C PHE C 135 6.64 -20.92 -21.19
N LEU C 136 5.90 -20.58 -20.14
CA LEU C 136 4.88 -21.46 -19.53
C LEU C 136 3.57 -20.67 -19.72
N ASN C 137 2.82 -21.04 -20.76
CA ASN C 137 1.72 -20.20 -21.21
C ASN C 137 0.34 -20.75 -20.87
N ASN C 138 -0.55 -19.83 -20.50
CA ASN C 138 -2.00 -20.06 -20.37
C ASN C 138 -2.38 -21.23 -19.43
N PHE C 139 -1.97 -21.10 -18.17
CA PHE C 139 -2.28 -22.12 -17.16
C PHE C 139 -3.14 -21.52 -16.06
N TYR C 140 -3.74 -22.42 -15.28
CA TYR C 140 -4.54 -22.04 -14.15
C TYR C 140 -4.66 -23.28 -13.22
N PRO C 141 -4.51 -23.08 -11.90
CA PRO C 141 -4.30 -21.86 -11.14
C PRO C 141 -2.91 -21.30 -11.30
N LYS C 142 -2.70 -20.16 -10.65
CA LYS C 142 -1.54 -19.36 -10.89
C LYS C 142 -0.21 -19.91 -10.39
N ASP C 143 -0.26 -20.80 -9.40
N ASP C 143 -0.24 -20.79 -9.39
CA ASP C 143 0.99 -21.31 -8.86
CA ASP C 143 1.01 -21.30 -8.88
C ASP C 143 1.54 -22.41 -9.77
C ASP C 143 1.54 -22.40 -9.80
N ILE C 144 2.85 -22.35 -9.99
CA ILE C 144 3.53 -23.30 -10.83
C ILE C 144 5.01 -23.36 -10.43
N ASN C 145 5.66 -24.50 -10.69
CA ASN C 145 7.08 -24.68 -10.38
C ASN C 145 7.80 -24.85 -11.71
N VAL C 146 8.95 -24.17 -11.86
CA VAL C 146 9.79 -24.29 -13.05
C VAL C 146 11.22 -24.51 -12.60
N LYS C 147 11.87 -25.45 -13.27
CA LYS C 147 13.22 -25.88 -12.93
C LYS C 147 14.03 -25.89 -14.21
N TRP C 148 15.26 -25.40 -14.13
CA TRP C 148 16.20 -25.47 -15.25
C TRP C 148 17.20 -26.57 -14.98
N LYS C 149 17.61 -27.29 -16.01
CA LYS C 149 18.75 -28.19 -15.92
C LYS C 149 19.71 -27.94 -17.08
N ILE C 150 20.99 -28.12 -16.81
CA ILE C 150 22.05 -28.10 -17.80
C ILE C 150 22.68 -29.48 -17.72
N ASP C 151 22.58 -30.23 -18.81
CA ASP C 151 23.16 -31.56 -18.86
C ASP C 151 22.70 -32.38 -17.67
N GLY C 152 21.42 -32.23 -17.35
CA GLY C 152 20.75 -33.01 -16.33
C GLY C 152 20.88 -32.54 -14.89
N SER C 153 21.71 -31.52 -14.65
CA SER C 153 21.90 -30.95 -13.32
C SER C 153 21.11 -29.67 -13.14
N GLU C 154 20.39 -29.58 -12.03
CA GLU C 154 19.58 -28.42 -11.76
C GLU C 154 20.44 -27.17 -11.68
N ARG C 155 19.94 -26.10 -12.30
CA ARG C 155 20.62 -24.80 -12.31
C ARG C 155 19.70 -23.75 -11.71
N GLN C 156 20.13 -23.09 -10.64
CA GLN C 156 19.35 -22.05 -9.98
C GLN C 156 19.88 -20.66 -10.26
N ASN C 157 21.20 -20.51 -10.32
CA ASN C 157 21.80 -19.20 -10.52
C ASN C 157 21.56 -18.71 -11.94
N GLY C 158 21.21 -17.44 -12.08
CA GLY C 158 21.08 -16.83 -13.39
C GLY C 158 19.69 -16.93 -13.94
N VAL C 159 18.73 -17.42 -13.14
CA VAL C 159 17.37 -17.64 -13.60
C VAL C 159 16.55 -16.47 -13.13
N LEU C 160 15.80 -15.86 -14.05
CA LEU C 160 14.85 -14.81 -13.69
C LEU C 160 13.48 -15.11 -14.27
N ASN C 161 12.48 -14.93 -13.44
CA ASN C 161 11.11 -15.25 -13.80
C ASN C 161 10.27 -13.98 -13.93
N SER C 162 9.25 -14.06 -14.78
CA SER C 162 8.32 -12.93 -14.93
C SER C 162 6.92 -13.51 -15.09
N TRP C 163 5.99 -12.92 -14.38
N TRP C 163 5.98 -13.03 -14.29
CA TRP C 163 4.65 -13.45 -14.23
CA TRP C 163 4.61 -13.53 -14.33
C TRP C 163 3.63 -12.47 -14.80
C TRP C 163 3.66 -12.48 -14.84
N THR C 164 2.78 -12.89 -15.75
CA THR C 164 1.71 -12.00 -16.23
C THR C 164 0.64 -11.82 -15.17
N ASP C 165 -0.09 -10.72 -15.24
CA ASP C 165 -1.33 -10.63 -14.45
C ASP C 165 -2.35 -11.56 -15.11
N GLN C 166 -3.44 -11.80 -14.41
CA GLN C 166 -4.48 -12.67 -14.93
C GLN C 166 -5.00 -12.12 -16.24
N ASP C 167 -5.12 -12.99 -17.22
CA ASP C 167 -5.54 -12.59 -18.58
C ASP C 167 -6.94 -12.05 -18.56
N SER C 168 -7.17 -10.90 -19.21
CA SER C 168 -8.49 -10.29 -19.16
C SER C 168 -9.52 -11.05 -19.96
N LYS C 169 -9.10 -11.85 -20.94
CA LYS C 169 -10.05 -12.62 -21.72
C LYS C 169 -10.30 -14.03 -21.25
N ASP C 170 -9.23 -14.79 -21.03
CA ASP C 170 -9.42 -16.19 -20.69
C ASP C 170 -9.11 -16.54 -19.24
N SER C 171 -8.75 -15.55 -18.43
CA SER C 171 -8.56 -15.74 -16.97
C SER C 171 -7.40 -16.68 -16.60
N THR C 172 -6.55 -17.02 -17.55
CA THR C 172 -5.34 -17.80 -17.29
C THR C 172 -4.16 -16.92 -16.89
N TYR C 173 -3.06 -17.58 -16.54
CA TYR C 173 -1.82 -16.92 -16.19
C TYR C 173 -0.75 -17.48 -17.11
N SER C 174 0.30 -16.69 -17.30
CA SER C 174 1.50 -17.13 -18.00
C SER C 174 2.73 -16.65 -17.27
N MET C 175 3.86 -17.28 -17.62
N MET C 175 3.86 -17.34 -17.49
CA MET C 175 5.11 -17.02 -16.98
CA MET C 175 5.12 -16.89 -16.93
C MET C 175 6.22 -17.17 -18.03
C MET C 175 6.31 -17.30 -17.80
N SER C 176 7.30 -16.42 -17.85
CA SER C 176 8.50 -16.66 -18.61
C SER C 176 9.60 -16.96 -17.59
N SER C 177 10.50 -17.86 -17.94
CA SER C 177 11.70 -18.09 -17.15
C SER C 177 12.87 -17.93 -18.11
N THR C 178 13.84 -17.14 -17.71
CA THR C 178 15.00 -16.92 -18.54
C THR C 178 16.28 -17.22 -17.77
N LEU C 179 17.12 -18.06 -18.34
CA LEU C 179 18.41 -18.43 -17.74
C LEU C 179 19.47 -17.68 -18.52
N THR C 180 20.20 -16.80 -17.88
CA THR C 180 21.21 -16.05 -18.63
C THR C 180 22.60 -16.44 -18.20
N LEU C 181 23.39 -16.81 -19.19
CA LEU C 181 24.76 -17.26 -19.00
C LEU C 181 25.69 -16.42 -19.86
N THR C 182 26.99 -16.52 -19.61
CA THR C 182 27.96 -15.99 -20.57
C THR C 182 28.00 -16.94 -21.75
N LYS C 183 28.41 -16.44 -22.91
CA LYS C 183 28.62 -17.31 -24.05
C LYS C 183 29.63 -18.41 -23.68
N ASP C 184 30.71 -18.03 -23.01
CA ASP C 184 31.74 -19.00 -22.59
C ASP C 184 31.12 -20.17 -21.82
N GLU C 185 30.31 -19.87 -20.80
CA GLU C 185 29.69 -20.93 -20.02
C GLU C 185 28.69 -21.73 -20.84
N TYR C 186 27.83 -21.03 -21.56
CA TYR C 186 26.82 -21.67 -22.41
C TYR C 186 27.44 -22.71 -23.32
N GLU C 187 28.56 -22.33 -23.95
CA GLU C 187 29.17 -23.16 -24.99
C GLU C 187 29.96 -24.36 -24.43
N ARG C 188 30.06 -24.46 -23.11
CA ARG C 188 30.67 -25.62 -22.46
C ARG C 188 29.71 -26.79 -22.32
N HIS C 189 28.42 -26.57 -22.47
CA HIS C 189 27.44 -27.62 -22.17
C HIS C 189 26.66 -28.10 -23.38
N ASN C 190 26.01 -29.25 -23.27
CA ASN C 190 25.31 -29.81 -24.41
C ASN C 190 23.84 -29.52 -24.42
N SER C 191 23.17 -29.87 -23.35
CA SER C 191 21.73 -29.76 -23.35
C SER C 191 21.21 -28.89 -22.23
N TYR C 192 20.08 -28.27 -22.53
CA TYR C 192 19.41 -27.33 -21.65
C TYR C 192 17.95 -27.76 -21.56
N THR C 193 17.39 -27.72 -20.37
CA THR C 193 16.06 -28.28 -20.14
C THR C 193 15.28 -27.31 -19.27
N CYS C 194 14.05 -26.97 -19.62
N CYS C 194 14.03 -27.08 -19.65
CA CYS C 194 13.18 -26.42 -18.59
CA CYS C 194 13.06 -26.36 -18.82
C CYS C 194 12.02 -27.35 -18.36
C CYS C 194 11.99 -27.38 -18.38
N GLU C 195 11.73 -27.52 -17.07
CA GLU C 195 10.75 -28.51 -16.61
C GLU C 195 9.73 -27.75 -15.80
N ALA C 196 8.46 -27.90 -16.13
CA ALA C 196 7.33 -27.29 -15.43
C ALA C 196 6.55 -28.36 -14.72
N THR C 197 6.14 -28.05 -13.50
CA THR C 197 5.20 -28.94 -12.85
C THR C 197 4.13 -28.14 -12.17
N HIS C 198 2.89 -28.59 -12.36
CA HIS C 198 1.69 -27.85 -12.03
C HIS C 198 0.65 -28.77 -11.40
N LYS C 199 -0.35 -28.21 -10.75
CA LYS C 199 -1.41 -29.03 -10.19
C LYS C 199 -1.93 -30.00 -11.24
N THR C 200 -2.02 -29.56 -12.50
CA THR C 200 -2.60 -30.36 -13.55
C THR C 200 -1.68 -31.44 -14.14
N SER C 201 -0.40 -31.48 -13.73
CA SER C 201 0.55 -32.35 -14.37
C SER C 201 0.51 -33.76 -13.82
N THR C 202 0.46 -34.74 -14.71
CA THR C 202 0.56 -36.14 -14.28
C THR C 202 2.03 -36.47 -14.09
N SER C 203 2.85 -35.88 -14.97
N SER C 203 2.89 -35.91 -14.94
CA SER C 203 4.31 -35.93 -14.94
CA SER C 203 4.33 -35.95 -14.74
C SER C 203 4.84 -34.51 -15.19
C SER C 203 4.87 -34.60 -15.21
N PRO C 204 6.03 -34.17 -14.68
CA PRO C 204 6.53 -32.86 -15.11
C PRO C 204 6.63 -32.71 -16.64
N ILE C 205 6.39 -31.51 -17.14
CA ILE C 205 6.51 -31.22 -18.57
C ILE C 205 7.95 -30.79 -18.80
N VAL C 206 8.68 -31.56 -19.60
CA VAL C 206 10.10 -31.33 -19.84
C VAL C 206 10.28 -30.94 -21.30
N LYS C 207 10.89 -29.77 -21.51
CA LYS C 207 11.24 -29.31 -22.85
C LYS C 207 12.74 -29.03 -22.88
N SER C 208 13.41 -29.52 -23.91
N SER C 208 13.42 -29.54 -23.90
N SER C 208 13.42 -29.55 -23.90
CA SER C 208 14.86 -29.48 -23.96
CA SER C 208 14.86 -29.44 -23.96
CA SER C 208 14.87 -29.46 -23.96
C SER C 208 15.38 -29.25 -25.37
C SER C 208 15.38 -29.24 -25.36
C SER C 208 15.37 -29.22 -25.37
N PHE C 209 16.63 -28.80 -25.45
CA PHE C 209 17.34 -28.79 -26.73
C PHE C 209 18.82 -29.06 -26.50
N ASN C 210 19.49 -29.49 -27.58
CA ASN C 210 20.96 -29.62 -27.61
C ASN C 210 21.50 -28.44 -28.36
N ARG C 211 22.48 -27.75 -27.78
CA ARG C 211 22.84 -26.46 -28.35
C ARG C 211 23.56 -26.60 -29.68
N ASN C 212 23.77 -27.83 -30.14
CA ASN C 212 24.37 -28.07 -31.46
C ASN C 212 23.42 -28.53 -32.56
N GLU C 213 22.19 -28.87 -32.21
CA GLU C 213 21.23 -29.40 -33.17
C GLU C 213 20.94 -28.36 -34.26
CL CL D . 10.25 9.84 14.94
CL CL E . 4.15 15.91 20.28
MG MG F . -25.65 4.57 27.71
#